data_2X2K
#
_entry.id   2X2K
#
_cell.length_a   71.600
_cell.length_b   70.912
_cell.length_c   78.871
_cell.angle_alpha   90.00
_cell.angle_beta   101.68
_cell.angle_gamma   90.00
#
_symmetry.space_group_name_H-M   'C 1 2 1'
#
loop_
_entity.id
_entity.type
_entity.pdbx_description
1 polymer 'PROTO-ONCOGENE TYROSINE-PROTEIN KINASE RECEPTOR RET'
2 non-polymer 'FORMIC ACID'
3 non-polymer (3Z)-5-amino-3-[(3,5-dimethyl-1H-pyrrol-2-yl)methylidene]-1,3-dihydro-2H-indol-2-one
4 water water
#
_entity_poly.entity_id   1
_entity_poly.type   'polypeptide(L)'
_entity_poly.pdbx_seq_one_letter_code
;GPLSLSVDAFKILEDPKWEFPRKNLVLGKTLGEGEFGKVVKATAFHLKGRAGYTTVAVKMLKENASPSELRDLLSEFNVL
KQVNHPHVIKLYGACSQDGPLLLIVEYAKYGSLRGFLRESRKVGPGYLGSGGSRNSSSLDHPDERALTMGDLISFAWQIS
QGMQYLAEMKLVHRDLAARNILVAEGRKMKISDFGLSRDVYEEDS(PTR)VKRSQGRIPVKWMAIESLFDHIYTTQSDVW
SFGVLLWEIVTLGGNPYPGIPPERLFNLLKTGHRMERPDNCSEEMYRLMLQCWKQEPDKRPVFADISKDLEKMMVKRR
;
_entity_poly.pdbx_strand_id   A
#
# COMPACT_ATOMS: atom_id res chain seq x y z
N GLY A 1 -11.15 12.09 -24.13
CA GLY A 1 -11.71 11.94 -22.77
C GLY A 1 -10.62 12.27 -21.78
N PRO A 2 -10.88 12.15 -20.48
CA PRO A 2 -9.87 12.43 -19.43
C PRO A 2 -8.49 11.76 -19.64
N LEU A 3 -8.45 10.56 -20.22
CA LEU A 3 -7.20 9.83 -20.42
C LEU A 3 -6.41 10.29 -21.66
N SER A 4 -7.07 10.46 -22.80
CA SER A 4 -6.37 10.98 -23.97
C SER A 4 -5.69 12.33 -23.65
N LEU A 5 -6.31 13.16 -22.81
CA LEU A 5 -5.74 14.44 -22.34
C LEU A 5 -4.51 14.18 -21.50
N SER A 6 -4.66 13.30 -20.50
CA SER A 6 -3.54 12.88 -19.65
C SER A 6 -2.40 12.24 -20.43
N VAL A 7 -2.70 11.49 -21.49
CA VAL A 7 -1.64 10.84 -22.25
C VAL A 7 -0.92 11.86 -23.14
N ASP A 8 -1.65 12.83 -23.68
CA ASP A 8 -1.06 13.87 -24.52
C ASP A 8 -0.26 14.92 -23.72
N ALA A 9 -0.81 15.34 -22.58
CA ALA A 9 -0.16 16.31 -21.67
C ALA A 9 1.19 15.83 -21.19
N PHE A 10 1.15 14.57 -20.78
CA PHE A 10 2.27 13.81 -20.27
C PHE A 10 3.38 13.69 -21.34
N LYS A 11 2.96 13.28 -22.54
CA LYS A 11 3.82 13.00 -23.69
C LYS A 11 4.35 14.29 -24.40
N ILE A 12 4.50 15.40 -23.66
CA ILE A 12 4.84 16.70 -24.27
C ILE A 12 5.50 17.68 -23.29
N PRO A 16 11.59 16.19 -16.97
CA PRO A 16 13.05 16.13 -17.19
C PRO A 16 13.79 15.81 -15.90
N LYS A 17 13.19 16.14 -14.76
CA LYS A 17 13.78 15.76 -13.48
C LYS A 17 13.49 14.27 -13.25
N TRP A 18 12.44 13.77 -13.92
CA TRP A 18 11.97 12.40 -13.73
C TRP A 18 12.31 11.50 -14.93
N GLU A 19 12.51 12.11 -16.10
CA GLU A 19 12.86 11.39 -17.33
C GLU A 19 14.27 10.77 -17.27
N PHE A 20 14.34 9.45 -17.48
CA PHE A 20 15.57 8.66 -17.44
C PHE A 20 15.81 7.97 -18.81
N PRO A 21 17.05 7.94 -19.33
CA PRO A 21 17.19 7.35 -20.67
C PRO A 21 16.94 5.85 -20.66
N ARG A 22 16.07 5.38 -21.55
CA ARG A 22 15.76 3.95 -21.65
C ARG A 22 17.01 3.10 -21.82
N LYS A 23 17.99 3.58 -22.58
CA LYS A 23 19.15 2.73 -22.88
C LYS A 23 20.07 2.47 -21.67
N ASN A 24 19.88 3.21 -20.57
CA ASN A 24 20.60 3.01 -19.29
C ASN A 24 19.87 2.13 -18.28
N LEU A 25 18.75 1.54 -18.70
CA LEU A 25 17.95 0.67 -17.84
C LEU A 25 18.01 -0.73 -18.43
N VAL A 26 18.28 -1.72 -17.60
CA VAL A 26 18.26 -3.09 -18.06
C VAL A 26 17.25 -3.87 -17.20
N LEU A 27 16.33 -4.56 -17.88
CA LEU A 27 15.23 -5.26 -17.20
C LEU A 27 15.59 -6.70 -16.92
N GLY A 28 15.09 -7.24 -15.80
CA GLY A 28 15.27 -8.65 -15.47
C GLY A 28 13.98 -9.37 -15.15
N LYS A 29 14.07 -10.30 -14.20
CA LYS A 29 12.97 -11.18 -13.86
C LYS A 29 11.72 -10.45 -13.32
N THR A 30 10.57 -11.09 -13.45
CA THR A 30 9.34 -10.53 -12.94
C THR A 30 9.37 -10.79 -11.44
N LEU A 31 8.86 -9.83 -10.68
CA LEU A 31 8.79 -9.97 -9.24
C LEU A 31 7.34 -10.21 -8.78
N GLY A 32 6.38 -9.89 -9.65
CA GLY A 32 4.97 -9.94 -9.30
C GLY A 32 4.06 -9.08 -10.18
N GLU A 33 2.75 -9.36 -10.08
CA GLU A 33 1.70 -8.65 -10.79
C GLU A 33 0.84 -7.89 -9.77
N GLY A 34 0.77 -6.57 -9.90
CA GLY A 34 -0.02 -5.71 -8.99
C GLY A 34 -1.44 -5.39 -9.48
N GLU A 35 -1.96 -4.24 -9.00
CA GLU A 35 -3.36 -3.80 -9.23
C GLU A 35 -3.55 -2.97 -10.52
N PHE A 36 -3.01 -3.50 -11.62
CA PHE A 36 -2.91 -2.84 -12.95
C PHE A 36 -1.53 -3.07 -13.60
N GLY A 37 -0.53 -3.41 -12.78
CA GLY A 37 0.86 -3.45 -13.25
C GLY A 37 1.68 -4.71 -13.03
N LYS A 38 2.82 -4.71 -13.68
CA LYS A 38 3.77 -5.78 -13.59
C LYS A 38 4.95 -5.11 -12.90
N VAL A 39 5.61 -5.77 -11.98
CA VAL A 39 6.87 -5.22 -11.42
C VAL A 39 8.02 -6.14 -11.83
N VAL A 40 9.04 -5.62 -12.52
CA VAL A 40 10.24 -6.43 -12.83
C VAL A 40 11.45 -5.93 -12.00
N LYS A 41 12.39 -6.84 -11.73
CA LYS A 41 13.67 -6.39 -11.17
C LYS A 41 14.40 -5.75 -12.34
N ALA A 42 15.20 -4.72 -12.06
CA ALA A 42 15.92 -4.00 -13.07
C ALA A 42 17.21 -3.44 -12.49
N THR A 43 18.06 -2.89 -13.36
CA THR A 43 19.29 -2.24 -12.96
C THR A 43 19.42 -0.97 -13.79
N ALA A 44 19.88 0.12 -13.16
CA ALA A 44 19.89 1.43 -13.81
C ALA A 44 21.27 2.04 -13.74
N PHE A 45 21.73 2.55 -14.87
CA PHE A 45 23.06 3.12 -15.00
C PHE A 45 23.05 4.64 -14.88
N HIS A 46 23.84 5.12 -13.92
CA HIS A 46 24.01 6.53 -13.63
C HIS A 46 22.64 7.13 -13.31
N LEU A 47 22.00 6.57 -12.28
CA LEU A 47 20.65 6.96 -11.91
C LEU A 47 20.73 8.10 -10.93
N LYS A 48 20.25 9.28 -11.35
CA LYS A 48 20.19 10.47 -10.48
C LYS A 48 21.40 10.63 -9.58
N GLY A 49 22.58 10.82 -10.17
CA GLY A 49 23.80 11.05 -9.42
C GLY A 49 24.50 9.88 -8.71
N ARG A 50 23.95 8.67 -8.78
CA ARG A 50 24.66 7.47 -8.25
C ARG A 50 25.53 6.91 -9.39
N ALA A 51 26.85 6.91 -9.21
CA ALA A 51 27.74 6.40 -10.25
C ALA A 51 27.62 4.87 -10.29
N GLY A 52 27.70 4.30 -11.49
CA GLY A 52 27.52 2.85 -11.66
C GLY A 52 26.07 2.39 -11.77
N TYR A 53 25.85 1.08 -11.64
CA TYR A 53 24.48 0.50 -11.65
C TYR A 53 23.83 0.48 -10.28
N THR A 54 22.54 0.78 -10.23
CA THR A 54 21.73 0.68 -9.01
C THR A 54 20.63 -0.30 -9.30
N THR A 55 20.47 -1.31 -8.44
CA THR A 55 19.37 -2.27 -8.48
C THR A 55 18.07 -1.54 -8.09
N VAL A 56 17.11 -1.59 -9.02
CA VAL A 56 15.84 -0.92 -8.87
C VAL A 56 14.70 -1.89 -9.20
N ALA A 57 13.47 -1.44 -8.98
CA ALA A 57 12.30 -2.17 -9.44
C ALA A 57 11.59 -1.28 -10.48
N VAL A 58 10.98 -1.91 -11.48
CA VAL A 58 10.35 -1.18 -12.60
C VAL A 58 8.90 -1.65 -12.73
N LYS A 59 7.96 -0.69 -12.62
CA LYS A 59 6.52 -0.91 -12.79
C LYS A 59 6.09 -0.56 -14.22
N MET A 60 5.36 -1.45 -14.87
CA MET A 60 4.92 -1.23 -16.22
C MET A 60 3.52 -1.83 -16.36
N LEU A 61 2.94 -1.69 -17.54
CA LEU A 61 1.65 -2.32 -17.91
C LEU A 61 1.77 -3.79 -18.33
N LYS A 62 0.83 -4.66 -17.94
CA LYS A 62 0.84 -6.06 -18.45
C LYS A 62 0.41 -6.08 -19.94
N GLU A 63 0.47 -7.26 -20.57
CA GLU A 63 -0.11 -7.50 -21.89
C GLU A 63 -1.60 -7.08 -21.91
N ASN A 64 -2.02 -6.38 -22.97
CA ASN A 64 -3.44 -6.10 -23.16
C ASN A 64 -4.02 -5.20 -22.09
N ALA A 65 -3.23 -4.19 -21.76
CA ALA A 65 -3.61 -3.22 -20.72
C ALA A 65 -4.85 -2.47 -21.18
N SER A 66 -5.74 -2.16 -20.23
CA SER A 66 -6.97 -1.44 -20.49
C SER A 66 -6.76 0.04 -20.20
N PRO A 67 -7.69 0.92 -20.63
CA PRO A 67 -7.63 2.35 -20.27
C PRO A 67 -7.48 2.60 -18.73
N SER A 68 -8.18 1.79 -17.97
CA SER A 68 -8.18 1.88 -16.53
C SER A 68 -6.79 1.61 -15.93
N GLU A 69 -6.05 0.69 -16.51
CA GLU A 69 -4.76 0.32 -15.98
C GLU A 69 -3.73 1.37 -16.30
N LEU A 70 -3.82 1.91 -17.51
CA LEU A 70 -2.96 2.96 -17.98
C LEU A 70 -3.16 4.25 -17.15
N ARG A 71 -4.40 4.64 -16.92
CA ARG A 71 -4.70 5.73 -16.04
C ARG A 71 -4.15 5.51 -14.63
N ASP A 72 -4.34 4.30 -14.11
CA ASP A 72 -3.76 3.90 -12.84
C ASP A 72 -2.23 4.11 -12.76
N LEU A 73 -1.52 3.65 -13.80
CA LEU A 73 -0.08 3.78 -13.86
C LEU A 73 0.32 5.25 -13.88
N LEU A 74 -0.37 6.07 -14.68
CA LEU A 74 -0.08 7.51 -14.78
C LEU A 74 -0.41 8.19 -13.46
N SER A 75 -1.43 7.71 -12.79
CA SER A 75 -1.85 8.24 -11.53
C SER A 75 -0.79 7.99 -10.45
N GLU A 76 -0.38 6.73 -10.33
CA GLU A 76 0.73 6.32 -9.46
C GLU A 76 1.98 7.20 -9.64
N PHE A 77 2.37 7.37 -10.90
CA PHE A 77 3.52 8.18 -11.24
C PHE A 77 3.35 9.61 -10.77
N ASN A 78 2.14 10.15 -10.89
CA ASN A 78 1.87 11.51 -10.46
C ASN A 78 1.82 11.72 -8.91
N VAL A 79 1.42 10.68 -8.18
CA VAL A 79 1.46 10.70 -6.72
C VAL A 79 2.88 10.56 -6.15
N LEU A 80 3.66 9.61 -6.68
CA LEU A 80 5.01 9.36 -6.21
C LEU A 80 5.97 10.51 -6.43
N LYS A 81 5.71 11.33 -7.45
CA LYS A 81 6.48 12.59 -7.66
C LYS A 81 6.40 13.51 -6.44
N GLN A 82 5.28 13.51 -5.73
CA GLN A 82 5.00 14.47 -4.66
C GLN A 82 5.32 13.93 -3.29
N VAL A 83 5.81 12.72 -3.23
CA VAL A 83 5.79 11.98 -2.01
C VAL A 83 7.19 11.50 -1.65
N ASN A 84 7.52 11.66 -0.36
CA ASN A 84 8.87 11.45 0.14
C ASN A 84 8.86 11.18 1.63
N HIS A 85 9.20 9.95 2.01
CA HIS A 85 9.13 9.53 3.38
C HIS A 85 9.88 8.21 3.51
N PRO A 86 10.69 8.06 4.57
CA PRO A 86 11.48 6.80 4.64
C PRO A 86 10.63 5.50 4.64
N HIS A 87 9.34 5.59 4.92
CA HIS A 87 8.46 4.40 4.90
C HIS A 87 7.39 4.36 3.78
N VAL A 88 7.63 5.15 2.72
CA VAL A 88 6.90 5.11 1.46
C VAL A 88 7.90 4.81 0.35
N ILE A 89 7.54 3.90 -0.56
CA ILE A 89 8.44 3.53 -1.66
C ILE A 89 8.92 4.76 -2.46
N LYS A 90 10.20 4.79 -2.82
CA LYS A 90 10.81 5.96 -3.45
C LYS A 90 10.81 5.81 -4.96
N LEU A 91 10.44 6.89 -5.63
CA LEU A 91 10.42 6.99 -7.09
C LEU A 91 11.69 7.67 -7.60
N TYR A 92 12.33 7.07 -8.63
CA TYR A 92 13.56 7.62 -9.19
C TYR A 92 13.43 8.18 -10.61
N GLY A 93 12.42 7.74 -11.33
CA GLY A 93 12.21 8.26 -12.66
C GLY A 93 11.22 7.46 -13.46
N ALA A 94 11.27 7.69 -14.78
CA ALA A 94 10.37 7.11 -15.74
C ALA A 94 11.04 7.09 -17.10
N CYS A 95 10.64 6.12 -17.93
CA CYS A 95 10.98 6.09 -19.33
C CYS A 95 9.66 6.16 -20.14
N SER A 96 9.44 7.25 -20.84
CA SER A 96 8.17 7.41 -21.59
C SER A 96 8.30 7.81 -23.06
N GLN A 97 9.52 7.89 -23.57
CA GLN A 97 9.78 8.45 -24.88
C GLN A 97 10.13 7.41 -25.97
N ASP A 98 10.77 6.29 -25.59
CA ASP A 98 11.26 5.29 -26.58
C ASP A 98 10.38 4.02 -26.80
N GLY A 99 9.39 3.81 -25.92
CA GLY A 99 8.68 2.54 -25.85
C GLY A 99 7.63 2.58 -24.76
N PRO A 100 7.41 1.45 -24.08
CA PRO A 100 6.34 1.42 -23.09
C PRO A 100 6.66 2.25 -21.85
N LEU A 101 5.63 2.84 -21.22
CA LEU A 101 5.79 3.57 -19.97
C LEU A 101 6.34 2.66 -18.88
N LEU A 102 7.47 3.08 -18.27
CA LEU A 102 8.11 2.31 -17.18
C LEU A 102 8.33 3.27 -16.03
N LEU A 103 7.90 2.87 -14.83
CA LEU A 103 8.23 3.62 -13.63
C LEU A 103 9.40 2.92 -12.94
N ILE A 104 10.43 3.70 -12.61
CA ILE A 104 11.64 3.18 -11.97
C ILE A 104 11.55 3.54 -10.50
N VAL A 105 11.39 2.53 -9.66
CA VAL A 105 11.16 2.74 -8.24
C VAL A 105 12.18 1.97 -7.39
N GLU A 106 12.20 2.32 -6.11
CA GLU A 106 12.92 1.61 -5.07
C GLU A 106 12.66 0.11 -5.03
N TYR A 107 13.77 -0.64 -4.97
CA TYR A 107 13.77 -2.08 -4.77
C TYR A 107 13.82 -2.41 -3.26
N ALA A 108 12.83 -3.19 -2.79
CA ALA A 108 12.83 -3.70 -1.47
C ALA A 108 13.22 -5.18 -1.54
N LYS A 109 14.44 -5.44 -1.08
CA LYS A 109 15.08 -6.76 -1.05
C LYS A 109 14.26 -8.00 -0.56
N TYR A 110 13.35 -7.81 0.38
CA TYR A 110 12.60 -8.94 0.98
C TYR A 110 11.21 -9.21 0.36
N GLY A 111 10.85 -8.42 -0.64
CA GLY A 111 9.55 -8.55 -1.26
C GLY A 111 8.42 -7.96 -0.45
N SER A 112 7.23 -8.51 -0.65
CA SER A 112 6.05 -8.01 -0.03
C SER A 112 5.98 -8.43 1.44
N LEU A 113 5.30 -7.66 2.25
CA LEU A 113 5.14 -8.00 3.65
C LEU A 113 4.40 -9.33 3.82
N ARG A 114 3.30 -9.55 3.07
CA ARG A 114 2.60 -10.85 3.14
C ARG A 114 3.65 -11.98 2.99
N GLY A 115 4.37 -11.99 1.86
CA GLY A 115 5.36 -13.03 1.58
C GLY A 115 6.42 -13.15 2.67
N PHE A 116 6.90 -12.00 3.14
CA PHE A 116 7.85 -11.97 4.24
C PHE A 116 7.30 -12.66 5.50
N LEU A 117 6.09 -12.30 5.91
CA LEU A 117 5.43 -12.91 7.07
C LEU A 117 5.09 -14.40 6.90
N ARG A 118 4.81 -14.84 5.69
CA ARG A 118 4.37 -16.22 5.51
C ARG A 118 5.56 -17.17 5.50
N GLU A 119 6.75 -16.67 5.16
CA GLU A 119 8.04 -17.40 5.31
C GLU A 119 8.49 -17.48 6.78
N SER A 120 7.77 -16.83 7.68
CA SER A 120 8.22 -16.67 9.06
C SER A 120 7.59 -17.64 10.07
N ARG A 121 8.16 -17.66 11.28
CA ARG A 121 7.63 -18.34 12.50
C ARG A 121 7.51 -17.30 13.64
N LYS A 122 7.01 -17.71 14.81
CA LYS A 122 6.96 -16.81 15.99
C LYS A 122 8.10 -17.09 16.99
N VAL A 123 8.45 -16.07 17.79
CA VAL A 123 9.50 -16.18 18.83
C VAL A 123 9.53 -14.97 19.77
N ARG A 145 13.07 -17.46 9.27
CA ARG A 145 12.93 -16.13 9.86
C ARG A 145 12.09 -16.30 11.12
N ALA A 146 12.65 -15.91 12.28
CA ALA A 146 11.99 -16.05 13.59
C ALA A 146 11.66 -14.65 14.09
N LEU A 147 10.36 -14.36 14.23
CA LEU A 147 9.93 -12.98 14.55
C LEU A 147 9.29 -12.83 15.94
N THR A 148 9.64 -11.77 16.64
CA THR A 148 9.03 -11.54 17.95
C THR A 148 7.73 -10.77 17.80
N MET A 149 6.97 -10.62 18.89
CA MET A 149 5.85 -9.69 18.88
C MET A 149 6.34 -8.22 18.75
N GLY A 150 7.54 -7.93 19.25
CA GLY A 150 8.18 -6.62 19.05
C GLY A 150 8.47 -6.29 17.60
N ASP A 151 8.99 -7.25 16.85
CA ASP A 151 9.16 -7.10 15.40
C ASP A 151 7.82 -6.79 14.69
N LEU A 152 6.78 -7.57 14.97
CA LEU A 152 5.44 -7.30 14.42
C LEU A 152 4.85 -5.92 14.80
N ILE A 153 5.03 -5.51 16.06
CA ILE A 153 4.63 -4.13 16.49
C ILE A 153 5.43 -3.05 15.76
N SER A 154 6.72 -3.32 15.61
CA SER A 154 7.63 -2.44 14.90
C SER A 154 7.16 -2.23 13.43
N PHE A 155 6.85 -3.33 12.73
CA PHE A 155 6.38 -3.25 11.34
C PHE A 155 5.12 -2.38 11.23
N ALA A 156 4.14 -2.68 12.08
CA ALA A 156 2.89 -1.96 12.11
C ALA A 156 3.10 -0.47 12.40
N TRP A 157 4.02 -0.14 13.32
CA TRP A 157 4.28 1.27 13.66
C TRP A 157 4.92 2.04 12.47
N GLN A 158 5.85 1.41 11.77
CA GLN A 158 6.50 2.06 10.62
C GLN A 158 5.47 2.38 9.57
N ILE A 159 4.60 1.41 9.32
CA ILE A 159 3.54 1.59 8.37
C ILE A 159 2.62 2.73 8.82
N SER A 160 2.26 2.74 10.09
CA SER A 160 1.42 3.81 10.64
C SER A 160 2.06 5.20 10.50
N GLN A 161 3.37 5.29 10.73
CA GLN A 161 4.10 6.54 10.47
C GLN A 161 4.02 7.01 9.02
N GLY A 162 4.18 6.08 8.08
CA GLY A 162 4.00 6.38 6.65
C GLY A 162 2.61 6.88 6.35
N MET A 163 1.61 6.19 6.89
CA MET A 163 0.22 6.60 6.72
C MET A 163 -0.10 7.99 7.28
N GLN A 164 0.46 8.32 8.45
CA GLN A 164 0.24 9.66 9.02
C GLN A 164 0.82 10.76 8.13
N TYR A 165 1.95 10.48 7.50
CA TYR A 165 2.55 11.40 6.58
C TYR A 165 1.65 11.59 5.34
N LEU A 166 1.20 10.48 4.74
CA LEU A 166 0.29 10.55 3.58
C LEU A 166 -1.01 11.24 3.98
N ALA A 167 -1.56 10.88 5.14
CA ALA A 167 -2.78 11.54 5.64
C ALA A 167 -2.55 13.06 5.76
N GLU A 168 -1.40 13.46 6.32
CA GLU A 168 -1.00 14.89 6.32
C GLU A 168 -0.86 15.51 4.90
N MET A 169 -0.40 14.75 3.91
CA MET A 169 -0.34 15.26 2.51
C MET A 169 -1.72 15.34 1.85
N LYS A 170 -2.78 14.89 2.54
CA LYS A 170 -4.14 14.83 1.97
C LYS A 170 -4.34 13.74 0.87
N LEU A 171 -3.90 12.52 1.17
CA LEU A 171 -3.95 11.42 0.24
C LEU A 171 -4.58 10.26 0.95
N VAL A 172 -5.63 9.72 0.32
CA VAL A 172 -6.22 8.45 0.71
C VAL A 172 -5.49 7.41 -0.13
N HIS A 173 -5.07 6.32 0.47
CA HIS A 173 -4.32 5.32 -0.23
C HIS A 173 -5.28 4.28 -0.85
N ARG A 174 -6.33 3.92 -0.10
CA ARG A 174 -7.42 3.04 -0.55
C ARG A 174 -7.09 1.55 -0.60
N ASP A 175 -5.83 1.23 -0.85
CA ASP A 175 -5.44 -0.14 -1.06
C ASP A 175 -4.39 -0.63 -0.04
N LEU A 176 -4.63 -0.36 1.23
CA LEU A 176 -3.71 -0.77 2.27
C LEU A 176 -3.84 -2.26 2.63
N ALA A 177 -2.78 -3.03 2.43
CA ALA A 177 -2.83 -4.45 2.72
C ALA A 177 -1.42 -4.93 2.76
N ALA A 178 -1.19 -6.08 3.40
CA ALA A 178 0.14 -6.69 3.49
C ALA A 178 0.83 -6.91 2.14
N ARG A 179 0.08 -7.29 1.10
CA ARG A 179 0.67 -7.47 -0.25
C ARG A 179 1.21 -6.17 -0.88
N ASN A 180 0.72 -5.04 -0.37
CA ASN A 180 1.12 -3.68 -0.79
C ASN A 180 2.14 -2.96 0.13
N ILE A 181 2.63 -3.66 1.14
CA ILE A 181 3.71 -3.14 1.94
C ILE A 181 4.93 -3.94 1.53
N LEU A 182 6.05 -3.28 1.26
CA LEU A 182 7.29 -3.99 0.94
C LEU A 182 8.29 -3.96 2.11
N VAL A 183 9.20 -4.92 2.11
CA VAL A 183 10.18 -5.04 3.14
C VAL A 183 11.56 -4.80 2.51
N ALA A 184 12.17 -3.66 2.84
CA ALA A 184 13.47 -3.25 2.32
C ALA A 184 14.68 -3.70 3.18
N GLU A 185 15.92 -3.34 2.78
CA GLU A 185 17.11 -3.65 3.58
C GLU A 185 16.90 -3.18 5.02
N GLY A 186 17.32 -4.01 5.98
CA GLY A 186 17.21 -3.73 7.40
C GLY A 186 15.79 -3.90 7.92
N ARG A 187 14.99 -4.70 7.21
CA ARG A 187 13.55 -4.89 7.46
C ARG A 187 12.74 -3.60 7.57
N LYS A 188 12.99 -2.64 6.66
CA LYS A 188 12.24 -1.38 6.64
C LYS A 188 10.98 -1.54 5.80
N MET A 189 9.87 -1.09 6.36
CA MET A 189 8.57 -1.14 5.70
C MET A 189 8.46 -0.02 4.66
N LYS A 190 7.96 -0.36 3.48
CA LYS A 190 7.69 0.65 2.44
C LYS A 190 6.27 0.48 1.93
N ILE A 191 5.47 1.53 2.07
CA ILE A 191 4.12 1.53 1.55
C ILE A 191 4.22 1.69 0.05
N SER A 192 3.57 0.77 -0.70
CA SER A 192 3.56 0.82 -2.18
C SER A 192 2.16 0.78 -2.80
N ASP A 193 2.14 0.52 -4.11
CA ASP A 193 0.94 0.54 -4.96
CA ASP A 193 0.95 0.57 -4.99
C ASP A 193 0.10 1.80 -4.76
N PHE A 194 0.41 2.84 -5.52
CA PHE A 194 -0.23 4.14 -5.39
C PHE A 194 -1.16 4.37 -6.58
N GLY A 195 -1.34 3.33 -7.39
CA GLY A 195 -2.25 3.38 -8.54
C GLY A 195 -3.63 3.88 -8.18
N LEU A 196 -4.10 3.50 -7.00
CA LEU A 196 -5.46 3.85 -6.57
C LEU A 196 -5.61 5.04 -5.62
N SER A 197 -4.50 5.65 -5.21
CA SER A 197 -4.52 6.79 -4.25
C SER A 197 -5.17 8.01 -4.80
N ARG A 198 -5.86 8.75 -3.95
CA ARG A 198 -6.57 9.93 -4.38
C ARG A 198 -6.23 11.16 -3.58
N ASP A 199 -6.30 12.30 -4.26
CA ASP A 199 -6.18 13.57 -3.58
C ASP A 199 -7.48 13.94 -2.89
N VAL A 200 -7.40 14.23 -1.59
CA VAL A 200 -8.52 14.77 -0.84
C VAL A 200 -8.28 16.15 -0.15
N TYR A 201 -7.37 16.98 -0.70
CA TYR A 201 -7.23 18.40 -0.25
C TYR A 201 -8.35 19.24 -0.82
N GLU A 202 -9.49 19.25 -0.13
CA GLU A 202 -10.65 19.98 -0.65
C GLU A 202 -11.91 19.48 0.03
N GLU A 203 -12.30 18.23 -0.23
CA GLU A 203 -13.56 17.73 0.34
C GLU A 203 -13.31 16.69 1.46
N ASP A 204 -12.03 16.36 1.69
CA ASP A 204 -11.62 15.38 2.71
C ASP A 204 -12.20 13.95 2.53
N SER A 205 -12.78 13.71 1.35
CA SER A 205 -13.24 12.39 0.95
C SER A 205 -13.05 12.21 -0.54
N VAL A 207 -15.05 10.09 -3.40
CA VAL A 207 -16.29 9.36 -3.71
C VAL A 207 -16.26 8.79 -5.14
N LYS A 208 -16.31 7.48 -5.22
CA LYS A 208 -16.29 6.80 -6.53
C LYS A 208 -17.70 6.32 -6.92
N ARG A 209 -18.20 6.76 -8.08
CA ARG A 209 -19.55 6.32 -8.49
C ARG A 209 -19.64 4.84 -8.91
N SER A 210 -18.76 4.42 -9.81
CA SER A 210 -18.77 3.03 -10.21
C SER A 210 -18.11 2.19 -9.11
N GLN A 211 -18.06 0.87 -9.32
CA GLN A 211 -17.54 -0.05 -8.29
C GLN A 211 -16.02 -0.04 -8.24
N GLY A 212 -15.49 -0.11 -7.04
CA GLY A 212 -14.07 -0.05 -6.81
C GLY A 212 -13.35 -1.30 -7.21
N ARG A 213 -12.04 -1.17 -7.40
CA ARG A 213 -11.17 -2.31 -7.65
C ARG A 213 -10.29 -2.73 -6.48
N ILE A 214 -10.66 -2.33 -5.26
CA ILE A 214 -9.94 -2.73 -4.04
C ILE A 214 -10.59 -3.97 -3.50
N PRO A 215 -9.82 -5.00 -3.15
CA PRO A 215 -10.39 -6.20 -2.55
C PRO A 215 -11.43 -5.95 -1.44
N VAL A 216 -12.59 -6.60 -1.57
CA VAL A 216 -13.73 -6.42 -0.67
C VAL A 216 -13.40 -6.50 0.81
N LYS A 217 -12.46 -7.38 1.19
CA LYS A 217 -12.26 -7.73 2.61
C LYS A 217 -11.30 -6.75 3.29
N TRP A 218 -10.84 -5.75 2.55
CA TRP A 218 -9.94 -4.75 3.09
C TRP A 218 -10.60 -3.37 3.18
N MET A 219 -11.83 -3.29 2.67
CA MET A 219 -12.61 -2.06 2.56
C MET A 219 -13.49 -1.72 3.80
N ALA A 220 -13.48 -0.47 4.22
CA ALA A 220 -14.38 0.01 5.27
C ALA A 220 -15.85 -0.21 4.89
N ILE A 221 -16.70 -0.37 5.89
CA ILE A 221 -18.14 -0.48 5.67
C ILE A 221 -18.73 0.64 4.76
N GLU A 222 -18.36 1.92 4.95
CA GLU A 222 -18.84 3.03 4.07
C GLU A 222 -18.27 3.02 2.65
N SER A 223 -17.12 2.39 2.47
CA SER A 223 -16.53 2.30 1.15
C SER A 223 -17.27 1.21 0.38
N LEU A 224 -17.56 0.12 1.07
CA LEU A 224 -18.25 -1.01 0.49
C LEU A 224 -19.67 -0.61 0.06
N PHE A 225 -20.39 0.08 0.94
CA PHE A 225 -21.81 0.41 0.77
C PHE A 225 -22.03 1.77 0.07
N ASP A 226 -21.28 2.82 0.46
CA ASP A 226 -21.62 4.18 0.05
C ASP A 226 -20.58 4.80 -0.88
N HIS A 227 -19.52 4.03 -1.21
CA HIS A 227 -18.41 4.42 -2.10
C HIS A 227 -17.59 5.65 -1.62
N ILE A 228 -17.52 5.84 -0.30
CA ILE A 228 -16.83 6.97 0.32
C ILE A 228 -15.45 6.53 0.80
N TYR A 229 -14.39 7.21 0.37
CA TYR A 229 -13.06 6.94 0.92
C TYR A 229 -12.50 8.15 1.60
N THR A 230 -11.92 7.93 2.76
CA THR A 230 -11.34 9.00 3.59
C THR A 230 -10.14 8.40 4.31
N THR A 231 -9.40 9.25 5.01
CA THR A 231 -8.31 8.75 5.81
C THR A 231 -8.83 7.74 6.83
N GLN A 232 -10.10 7.90 7.22
CA GLN A 232 -10.76 6.95 8.13
C GLN A 232 -11.07 5.56 7.50
N SER A 233 -11.19 5.46 6.17
CA SER A 233 -11.29 4.12 5.57
C SER A 233 -9.89 3.47 5.43
N ASP A 234 -8.85 4.29 5.24
CA ASP A 234 -7.46 3.80 5.32
C ASP A 234 -7.19 3.19 6.69
N VAL A 235 -7.77 3.76 7.73
CA VAL A 235 -7.63 3.23 9.09
C VAL A 235 -8.26 1.84 9.23
N TRP A 236 -9.51 1.71 8.74
CA TRP A 236 -10.17 0.40 8.59
C TRP A 236 -9.24 -0.64 7.94
N SER A 237 -8.68 -0.30 6.78
CA SER A 237 -7.79 -1.19 6.04
C SER A 237 -6.58 -1.54 6.85
N PHE A 238 -6.01 -0.52 7.49
CA PHE A 238 -4.88 -0.70 8.42
C PHE A 238 -5.21 -1.70 9.50
N GLY A 239 -6.40 -1.62 10.06
CA GLY A 239 -6.81 -2.62 11.04
C GLY A 239 -6.83 -4.03 10.47
N VAL A 240 -7.17 -4.17 9.18
CA VAL A 240 -7.16 -5.47 8.50
C VAL A 240 -5.72 -5.88 8.27
N LEU A 241 -4.90 -4.95 7.82
CA LEU A 241 -3.49 -5.21 7.71
C LEU A 241 -2.91 -5.66 9.10
N LEU A 242 -3.29 -4.99 10.20
CA LEU A 242 -2.84 -5.41 11.54
C LEU A 242 -3.10 -6.89 11.79
N TRP A 243 -4.35 -7.30 11.57
CA TRP A 243 -4.70 -8.72 11.58
C TRP A 243 -3.78 -9.59 10.72
N GLU A 244 -3.45 -9.12 9.52
CA GLU A 244 -2.55 -9.89 8.66
C GLU A 244 -1.17 -10.00 9.30
N ILE A 245 -0.70 -8.89 9.86
CA ILE A 245 0.59 -8.85 10.56
C ILE A 245 0.59 -9.85 11.71
N VAL A 246 -0.37 -9.72 12.62
CA VAL A 246 -0.45 -10.59 13.80
C VAL A 246 -0.58 -12.11 13.49
N THR A 247 -1.23 -12.46 12.38
CA THR A 247 -1.47 -13.87 11.99
C THR A 247 -0.37 -14.38 11.10
N LEU A 248 0.65 -13.56 10.91
CA LEU A 248 1.79 -13.86 10.02
C LEU A 248 1.32 -14.11 8.60
N GLY A 249 0.48 -13.20 8.12
CA GLY A 249 0.02 -13.24 6.75
C GLY A 249 -1.13 -14.20 6.53
N GLY A 250 -2.07 -14.23 7.48
CA GLY A 250 -3.28 -15.03 7.35
C GLY A 250 -4.23 -14.41 6.34
N ASN A 251 -5.25 -15.17 5.97
CA ASN A 251 -6.22 -14.69 5.00
C ASN A 251 -7.45 -14.15 5.70
N PRO A 252 -7.76 -12.85 5.54
CA PRO A 252 -8.87 -12.23 6.30
C PRO A 252 -10.17 -12.96 6.05
N TYR A 253 -11.03 -12.95 7.07
CA TYR A 253 -12.34 -13.62 7.03
C TYR A 253 -12.18 -14.95 6.33
N PRO A 254 -11.34 -15.85 6.88
CA PRO A 254 -11.06 -17.08 6.10
C PRO A 254 -12.34 -17.92 5.85
N GLY A 255 -12.48 -18.44 4.62
CA GLY A 255 -13.58 -19.31 4.22
C GLY A 255 -14.95 -18.65 4.14
N ILE A 256 -14.96 -17.32 4.14
CA ILE A 256 -16.17 -16.50 3.98
C ILE A 256 -16.10 -15.81 2.61
N PRO A 257 -17.10 -16.04 1.75
CA PRO A 257 -17.04 -15.46 0.40
C PRO A 257 -17.21 -13.94 0.49
N PRO A 258 -16.53 -13.15 -0.39
CA PRO A 258 -16.70 -11.69 -0.39
C PRO A 258 -18.15 -11.20 -0.39
N GLU A 259 -19.03 -11.83 -1.15
CA GLU A 259 -20.46 -11.43 -1.19
C GLU A 259 -21.17 -11.47 0.19
N ARG A 260 -20.71 -12.34 1.08
CA ARG A 260 -21.27 -12.40 2.43
C ARG A 260 -20.91 -11.16 3.27
N LEU A 261 -19.95 -10.35 2.80
CA LEU A 261 -19.44 -9.21 3.59
C LEU A 261 -20.40 -8.04 3.76
N PHE A 262 -21.25 -7.81 2.78
CA PHE A 262 -22.25 -6.77 2.95
C PHE A 262 -23.06 -7.00 4.22
N ASN A 263 -23.60 -8.19 4.34
CA ASN A 263 -24.51 -8.52 5.42
C ASN A 263 -23.82 -8.74 6.76
N LEU A 264 -22.63 -9.36 6.69
CA LEU A 264 -21.84 -9.66 7.86
C LEU A 264 -21.39 -8.37 8.51
N LEU A 265 -20.90 -7.44 7.69
CA LEU A 265 -20.50 -6.12 8.16
C LEU A 265 -21.67 -5.27 8.73
N LYS A 266 -22.74 -5.08 7.95
CA LYS A 266 -23.84 -4.20 8.38
C LYS A 266 -24.56 -4.73 9.64
N THR A 267 -24.54 -6.05 9.88
CA THR A 267 -25.16 -6.59 11.07
C THR A 267 -24.18 -6.67 12.25
N GLY A 268 -23.09 -5.91 12.18
CA GLY A 268 -22.17 -5.77 13.31
C GLY A 268 -21.03 -6.74 13.56
N HIS A 269 -20.88 -7.78 12.74
CA HIS A 269 -19.81 -8.76 12.90
C HIS A 269 -18.42 -8.28 12.43
N ARG A 270 -17.39 -8.82 13.07
CA ARG A 270 -15.97 -8.55 12.79
C ARG A 270 -15.20 -9.85 13.00
N MET A 271 -14.03 -9.98 12.37
CA MET A 271 -13.14 -11.12 12.61
C MET A 271 -12.85 -11.25 14.10
N GLU A 272 -12.72 -12.47 14.59
CA GLU A 272 -12.55 -12.67 16.00
C GLU A 272 -11.09 -12.44 16.36
N ARG A 273 -10.81 -12.25 17.64
CA ARG A 273 -9.44 -12.20 18.11
C ARG A 273 -8.65 -13.39 17.58
N PRO A 274 -7.57 -13.14 16.81
CA PRO A 274 -6.73 -14.23 16.35
C PRO A 274 -5.86 -14.79 17.49
N ASP A 275 -5.21 -15.93 17.29
CA ASP A 275 -4.27 -16.45 18.28
C ASP A 275 -3.00 -15.60 18.28
N ASN A 276 -2.25 -15.64 19.38
CA ASN A 276 -0.97 -14.90 19.50
C ASN A 276 -1.19 -13.37 19.38
N CYS A 277 -2.20 -12.89 20.11
CA CYS A 277 -2.65 -11.52 19.98
C CYS A 277 -3.14 -11.06 21.33
N SER A 278 -2.49 -10.04 21.88
CA SER A 278 -2.80 -9.53 23.21
C SER A 278 -4.21 -8.97 23.24
N GLU A 279 -4.76 -8.76 24.45
CA GLU A 279 -6.06 -8.11 24.54
C GLU A 279 -5.97 -6.72 23.87
N GLU A 280 -4.96 -5.91 24.22
CA GLU A 280 -4.83 -4.51 23.75
C GLU A 280 -4.68 -4.41 22.22
N MET A 281 -3.90 -5.31 21.64
CA MET A 281 -3.76 -5.37 20.19
C MET A 281 -5.12 -5.63 19.48
N TYR A 282 -5.89 -6.61 19.96
CA TYR A 282 -7.20 -6.85 19.40
C TYR A 282 -8.13 -5.64 19.56
N ARG A 283 -7.92 -4.85 20.61
CA ARG A 283 -8.79 -3.69 20.92
C ARG A 283 -8.57 -2.61 19.85
N LEU A 284 -7.31 -2.53 19.40
CA LEU A 284 -6.89 -1.57 18.38
C LEU A 284 -7.49 -1.93 17.04
N MET A 285 -7.45 -3.22 16.68
CA MET A 285 -8.14 -3.70 15.48
C MET A 285 -9.62 -3.35 15.49
N LEU A 286 -10.36 -3.80 16.50
CA LEU A 286 -11.78 -3.48 16.61
C LEU A 286 -12.02 -2.00 16.48
N GLN A 287 -11.18 -1.19 17.12
CA GLN A 287 -11.39 0.25 17.04
C GLN A 287 -11.25 0.78 15.61
N CYS A 288 -10.36 0.20 14.81
CA CYS A 288 -10.20 0.60 13.42
C CYS A 288 -11.44 0.24 12.60
N TRP A 289 -12.17 -0.77 13.07
CA TRP A 289 -13.34 -1.29 12.39
C TRP A 289 -14.66 -0.73 12.94
N LYS A 290 -14.60 0.33 13.75
CA LYS A 290 -15.85 0.89 14.27
C LYS A 290 -16.66 1.31 13.06
N GLN A 291 -17.96 1.09 13.13
CA GLN A 291 -18.86 1.44 12.06
C GLN A 291 -18.78 2.90 11.76
N GLU A 292 -18.91 3.75 12.79
CA GLU A 292 -18.83 5.21 12.62
C GLU A 292 -17.35 5.60 12.45
N PRO A 293 -16.99 6.19 11.30
CA PRO A 293 -15.60 6.53 10.92
C PRO A 293 -14.92 7.49 11.90
N ASP A 294 -15.70 8.42 12.48
CA ASP A 294 -15.22 9.40 13.46
C ASP A 294 -14.85 8.80 14.82
N LYS A 295 -15.24 7.55 15.06
CA LYS A 295 -14.91 6.89 16.32
C LYS A 295 -13.69 5.99 16.15
N ARG A 296 -13.10 5.98 14.96
CA ARG A 296 -11.87 5.23 14.71
C ARG A 296 -10.65 6.11 15.12
N PRO A 297 -9.52 5.46 15.45
CA PRO A 297 -8.36 6.29 15.77
C PRO A 297 -7.81 6.89 14.48
N VAL A 298 -7.14 8.04 14.59
CA VAL A 298 -6.39 8.63 13.49
C VAL A 298 -5.01 7.99 13.55
N PHE A 299 -4.20 8.11 12.51
CA PHE A 299 -2.92 7.38 12.51
C PHE A 299 -1.93 7.78 13.61
N ALA A 300 -2.04 9.03 14.07
CA ALA A 300 -1.27 9.52 15.20
C ALA A 300 -1.56 8.72 16.48
N ASP A 301 -2.84 8.43 16.76
CA ASP A 301 -3.20 7.57 17.92
C ASP A 301 -2.72 6.15 17.73
N ILE A 302 -2.81 5.66 16.49
CA ILE A 302 -2.38 4.29 16.19
C ILE A 302 -0.88 4.18 16.50
N SER A 303 -0.07 5.09 15.96
CA SER A 303 1.34 5.15 16.29
C SER A 303 1.55 5.24 17.83
N LYS A 304 0.89 6.21 18.50
CA LYS A 304 0.89 6.27 19.99
C LYS A 304 0.56 4.90 20.65
N ASP A 305 -0.52 4.24 20.23
CA ASP A 305 -0.89 2.93 20.80
C ASP A 305 0.16 1.83 20.62
N LEU A 306 0.73 1.76 19.43
CA LEU A 306 1.73 0.74 19.11
C LEU A 306 3.06 0.96 19.82
N GLU A 307 3.47 2.24 19.91
CA GLU A 307 4.63 2.68 20.73
C GLU A 307 4.46 2.23 22.18
N LYS A 308 3.28 2.52 22.73
CA LYS A 308 2.96 2.11 24.08
C LYS A 308 3.02 0.62 24.26
N MET A 309 2.60 -0.17 23.26
CA MET A 309 2.71 -1.64 23.37
C MET A 309 4.16 -2.09 23.32
N MET A 310 4.97 -1.42 22.50
CA MET A 310 6.36 -1.81 22.30
C MET A 310 7.14 -1.74 23.60
N VAL A 311 7.02 -0.61 24.28
CA VAL A 311 7.80 -0.32 25.47
C VAL A 311 7.35 -1.13 26.70
N LYS A 312 6.08 -1.55 26.77
CA LYS A 312 5.64 -2.39 27.90
C LYS A 312 5.97 -3.89 27.79
N ARG A 313 6.35 -4.33 26.59
CA ARG A 313 6.89 -5.68 26.39
C ARG A 313 8.20 -5.90 27.19
N ARG A 314 9.06 -4.87 27.27
CA ARG A 314 10.31 -4.84 28.12
C ARG A 314 11.60 -4.75 27.30
#